data_4USE
#
_entry.id   4USE
#
_cell.length_a   62.040
_cell.length_b   50.250
_cell.length_c   133.710
_cell.angle_alpha   90.00
_cell.angle_beta   101.16
_cell.angle_gamma   90.00
#
_symmetry.space_group_name_H-M   'P 1 21 1'
#
loop_
_entity.id
_entity.type
_entity.pdbx_description
1 polymer 'SERINE/THREONINE-PROTEIN KINASE 10'
2 non-polymer 4-{5-(6-methoxynaphthalen-2-yl)-1-methyl-2-[2-methyl-4-(methylsulfonyl)phenyl]-1H-imidazol-4-yl}pyridine
3 water water
#
_entity_poly.entity_id   1
_entity_poly.type   'polypeptide(L)'
_entity_poly.pdbx_seq_one_letter_code
;SMRKSREYEHVRRDLDPNEVWEIVGELGDGAFGKVYKAKNKETGALAAAKVIETKSEEELEDYIVEIEILATCDHPYIVK
LLGAYYHDGKLWIMIEFCPGGAVDAIMLELDRGLTEPQIQVVCRQMLEALNFLHSKRIIHRDLKAGNVLMTLEGDIRLAD
FGVSAKNLKTLQKRDSFIGTPYWMAPEVVMCETMKDTPYDYKADIWSLGITLIEMAQIEPPHHELNPMRVLLKIAKSDPP
TLLTPSKWSVEFRDFLKIALDKNPETRPSAAQLLEHPFVSSITSNKALRELVAEAKAEVMEE
;
_entity_poly.pdbx_strand_id   A,B
#
# COMPACT_ATOMS: atom_id res chain seq x y z
N GLU A 9 -15.90 -35.77 3.52
CA GLU A 9 -16.06 -34.31 3.30
C GLU A 9 -16.54 -33.61 4.57
N HIS A 10 -15.75 -32.64 5.02
CA HIS A 10 -16.11 -31.82 6.17
C HIS A 10 -17.07 -30.70 5.78
N VAL A 11 -17.17 -30.42 4.48
CA VAL A 11 -18.12 -29.42 3.97
C VAL A 11 -19.43 -30.13 3.67
N ARG A 12 -20.46 -29.85 4.47
CA ARG A 12 -21.78 -30.40 4.22
C ARG A 12 -22.43 -29.64 3.06
N ARG A 13 -22.53 -30.29 1.90
CA ARG A 13 -23.22 -29.71 0.72
C ARG A 13 -24.74 -29.76 0.92
N ASP A 14 -25.21 -30.77 1.65
CA ASP A 14 -26.57 -30.82 2.18
C ASP A 14 -26.69 -29.89 3.38
N LEU A 15 -27.92 -29.66 3.84
CA LEU A 15 -28.18 -28.89 5.06
C LEU A 15 -27.83 -27.41 4.92
N ASP A 16 -28.86 -26.57 4.85
CA ASP A 16 -28.68 -25.11 4.81
C ASP A 16 -28.20 -24.63 6.19
N PRO A 17 -27.22 -23.70 6.22
CA PRO A 17 -26.59 -23.30 7.48
C PRO A 17 -27.45 -22.40 8.38
N ASN A 18 -28.56 -21.86 7.86
CA ASN A 18 -29.49 -21.08 8.68
C ASN A 18 -30.44 -21.93 9.54
N GLU A 19 -30.33 -23.26 9.42
CA GLU A 19 -30.97 -24.17 10.37
C GLU A 19 -30.23 -24.17 11.70
N VAL A 20 -28.90 -24.26 11.65
CA VAL A 20 -28.06 -24.30 12.86
C VAL A 20 -27.58 -22.92 13.29
N TRP A 21 -27.12 -22.10 12.34
CA TRP A 21 -26.42 -20.86 12.68
C TRP A 21 -27.20 -19.59 12.42
N GLU A 22 -26.82 -18.52 13.11
CA GLU A 22 -27.54 -17.25 13.08
C GLU A 22 -26.55 -16.09 13.25
N ILE A 23 -26.59 -15.11 12.34
CA ILE A 23 -25.66 -13.97 12.35
C ILE A 23 -26.12 -12.88 13.32
N VAL A 24 -25.16 -12.23 13.98
CA VAL A 24 -25.47 -11.14 14.94
C VAL A 24 -24.63 -9.86 14.83
N GLY A 25 -23.46 -9.91 14.19
CA GLY A 25 -22.65 -8.71 14.04
C GLY A 25 -21.56 -8.81 13.00
N GLU A 26 -20.86 -7.69 12.81
CA GLU A 26 -19.63 -7.64 12.04
C GLU A 26 -18.46 -7.59 13.01
N LEU A 27 -17.24 -7.58 12.49
CA LEU A 27 -16.04 -7.45 13.32
C LEU A 27 -14.97 -6.55 12.68
N GLY A 28 -14.57 -6.82 11.43
CA GLY A 28 -13.62 -5.94 10.75
C GLY A 28 -13.30 -6.26 9.30
N ASP A 29 -13.02 -5.21 8.52
CA ASP A 29 -12.55 -5.32 7.15
C ASP A 29 -11.06 -4.98 7.08
N GLY A 30 -10.22 -6.01 7.00
CA GLY A 30 -8.76 -5.85 7.07
C GLY A 30 -8.03 -5.97 5.74
N ALA A 31 -8.34 -7.02 4.98
CA ALA A 31 -7.73 -7.25 3.66
C ALA A 31 -8.51 -8.28 2.82
N PHE A 32 -8.66 -9.49 3.35
CA PHE A 32 -9.32 -10.59 2.63
C PHE A 32 -10.84 -10.42 2.50
N GLY A 33 -11.49 -9.87 3.53
CA GLY A 33 -12.92 -9.59 3.47
C GLY A 33 -13.61 -9.25 4.79
N LYS A 34 -14.90 -9.57 4.86
CA LYS A 34 -15.72 -9.32 6.04
C LYS A 34 -15.77 -10.55 6.95
N VAL A 35 -15.97 -10.31 8.24
CA VAL A 35 -15.97 -11.35 9.27
C VAL A 35 -17.15 -11.13 10.21
N TYR A 36 -18.11 -12.07 10.18
CA TYR A 36 -19.33 -11.95 10.96
C TYR A 36 -19.23 -12.67 12.30
N LYS A 37 -19.98 -12.17 13.28
CA LYS A 37 -20.13 -12.80 14.58
C LYS A 37 -21.41 -13.64 14.54
N ALA A 38 -21.30 -14.92 14.89
CA ALA A 38 -22.38 -15.88 14.66
C ALA A 38 -22.77 -16.61 15.93
N LYS A 39 -24.04 -17.04 15.98
CA LYS A 39 -24.62 -17.67 17.17
C LYS A 39 -25.28 -18.97 16.78
N ASN A 40 -25.15 -19.98 17.63
CA ASN A 40 -25.74 -21.28 17.37
C ASN A 40 -27.19 -21.38 17.86
N LYS A 41 -28.11 -21.69 16.94
CA LYS A 41 -29.54 -21.76 17.28
C LYS A 41 -29.85 -22.78 18.38
N GLU A 42 -29.21 -23.95 18.32
CA GLU A 42 -29.43 -25.01 19.33
C GLU A 42 -28.72 -24.70 20.64
N THR A 43 -27.39 -24.78 20.62
CA THR A 43 -26.60 -24.64 21.84
C THR A 43 -26.39 -23.19 22.31
N GLY A 44 -26.59 -22.22 21.41
CA GLY A 44 -26.39 -20.81 21.73
C GLY A 44 -24.94 -20.33 21.72
N ALA A 45 -24.02 -21.19 21.28
CA ALA A 45 -22.59 -20.88 21.32
C ALA A 45 -22.17 -19.88 20.24
N LEU A 46 -21.21 -19.04 20.59
CA LEU A 46 -20.68 -18.02 19.71
C LEU A 46 -19.62 -18.62 18.77
N ALA A 47 -19.59 -18.11 17.55
CA ALA A 47 -18.59 -18.48 16.57
C ALA A 47 -18.27 -17.27 15.72
N ALA A 48 -17.11 -17.31 15.05
CA ALA A 48 -16.73 -16.28 14.09
C ALA A 48 -16.82 -16.91 12.72
N ALA A 49 -17.41 -16.20 11.77
CA ALA A 49 -17.76 -16.80 10.49
C ALA A 49 -17.17 -16.05 9.31
N LYS A 50 -16.95 -16.80 8.22
CA LYS A 50 -16.70 -16.22 6.91
C LYS A 50 -17.76 -16.77 5.95
N VAL A 51 -18.49 -15.86 5.30
CA VAL A 51 -19.40 -16.20 4.22
C VAL A 51 -18.75 -15.72 2.94
N ILE A 52 -18.31 -16.66 2.10
CA ILE A 52 -17.62 -16.32 0.86
C ILE A 52 -18.50 -16.56 -0.38
N GLU A 53 -18.62 -15.53 -1.24
CA GLU A 53 -19.16 -15.70 -2.58
C GLU A 53 -18.02 -16.09 -3.51
N THR A 54 -18.23 -17.13 -4.30
CA THR A 54 -17.13 -17.78 -5.00
C THR A 54 -17.01 -17.40 -6.47
N LYS A 55 -16.02 -16.57 -6.78
CA LYS A 55 -15.56 -16.41 -8.16
C LYS A 55 -14.73 -17.65 -8.48
N SER A 56 -15.33 -18.58 -9.21
CA SER A 56 -14.71 -19.87 -9.60
C SER A 56 -15.08 -21.00 -8.65
N GLU A 57 -15.32 -22.19 -9.20
CA GLU A 57 -15.30 -23.43 -8.44
C GLU A 57 -13.88 -24.00 -8.45
N GLU A 58 -13.02 -23.46 -9.32
CA GLU A 58 -11.60 -23.84 -9.36
C GLU A 58 -10.88 -23.28 -8.13
N GLU A 59 -10.92 -21.95 -7.97
CA GLU A 59 -10.30 -21.26 -6.84
C GLU A 59 -10.79 -21.78 -5.48
N LEU A 60 -12.11 -22.02 -5.37
CA LEU A 60 -12.74 -22.59 -4.17
C LEU A 60 -11.85 -23.61 -3.46
N GLU A 61 -11.21 -24.48 -4.24
CA GLU A 61 -10.26 -25.47 -3.75
C GLU A 61 -9.34 -24.99 -2.63
N ASP A 62 -8.92 -23.73 -2.68
CA ASP A 62 -8.02 -23.14 -1.69
C ASP A 62 -8.64 -23.10 -0.28
N TYR A 63 -9.92 -22.73 -0.21
CA TYR A 63 -10.63 -22.66 1.06
C TYR A 63 -10.96 -24.07 1.60
N ILE A 64 -11.26 -25.00 0.70
CA ILE A 64 -11.50 -26.40 1.07
C ILE A 64 -10.25 -27.02 1.70
N VAL A 65 -9.08 -26.69 1.15
CA VAL A 65 -7.82 -27.16 1.70
C VAL A 65 -7.57 -26.55 3.07
N GLU A 66 -7.96 -25.29 3.26
CA GLU A 66 -7.85 -24.67 4.58
C GLU A 66 -8.72 -25.42 5.59
N ILE A 67 -9.95 -25.72 5.18
CA ILE A 67 -10.87 -26.45 6.03
C ILE A 67 -10.33 -27.82 6.41
N GLU A 68 -9.84 -28.57 5.42
CA GLU A 68 -9.22 -29.87 5.69
C GLU A 68 -8.13 -29.72 6.74
N ILE A 69 -7.25 -28.74 6.57
CA ILE A 69 -6.18 -28.48 7.55
C ILE A 69 -6.75 -28.26 8.94
N LEU A 70 -7.73 -27.37 9.03
CA LEU A 70 -8.32 -27.01 10.32
C LEU A 70 -8.99 -28.21 10.97
N ALA A 71 -9.66 -29.04 10.17
CA ALA A 71 -10.33 -30.22 10.67
C ALA A 71 -9.36 -31.30 11.16
N THR A 72 -8.17 -31.36 10.58
CA THR A 72 -7.16 -32.33 11.04
C THR A 72 -6.44 -31.87 12.30
N CYS A 73 -6.31 -30.55 12.48
CA CYS A 73 -5.53 -30.02 13.60
C CYS A 73 -6.36 -29.80 14.86
N ASP A 74 -6.57 -30.86 15.64
CA ASP A 74 -7.06 -30.72 17.00
C ASP A 74 -5.89 -30.46 17.95
N HIS A 75 -5.76 -29.23 18.42
CA HIS A 75 -4.81 -28.86 19.46
C HIS A 75 -5.42 -27.71 20.28
N PRO A 76 -5.10 -27.65 21.58
CA PRO A 76 -5.60 -26.55 22.42
C PRO A 76 -5.38 -25.13 21.87
N TYR A 77 -4.18 -24.86 21.36
CA TYR A 77 -3.77 -23.56 20.79
C TYR A 77 -4.01 -23.31 19.30
N ILE A 78 -4.94 -24.03 18.69
CA ILE A 78 -5.33 -23.77 17.33
C ILE A 78 -6.84 -23.78 17.29
N VAL A 79 -7.44 -22.77 16.66
CA VAL A 79 -8.89 -22.60 16.65
C VAL A 79 -9.63 -23.83 16.21
N LYS A 80 -10.71 -24.15 16.94
CA LYS A 80 -11.58 -25.25 16.56
C LYS A 80 -12.44 -24.88 15.34
N LEU A 81 -12.59 -25.82 14.42
CA LEU A 81 -13.56 -25.66 13.34
C LEU A 81 -14.89 -26.16 13.82
N LEU A 82 -15.88 -25.27 13.93
CA LEU A 82 -17.22 -25.64 14.41
C LEU A 82 -18.22 -26.03 13.30
N GLY A 83 -17.87 -25.79 12.04
CA GLY A 83 -18.78 -26.10 10.94
C GLY A 83 -18.31 -25.55 9.61
N ALA A 84 -18.79 -26.16 8.53
CA ALA A 84 -18.41 -25.79 7.17
C ALA A 84 -19.51 -26.17 6.20
N TYR A 85 -20.06 -25.16 5.54
CA TYR A 85 -21.20 -25.36 4.69
C TYR A 85 -20.94 -24.70 3.36
N TYR A 86 -21.46 -25.32 2.30
CA TYR A 86 -21.52 -24.67 0.98
C TYR A 86 -22.97 -24.75 0.55
N HIS A 87 -23.59 -23.59 0.42
CA HIS A 87 -25.01 -23.50 0.23
C HIS A 87 -25.34 -22.23 -0.57
N ASP A 88 -26.13 -22.39 -1.62
CA ASP A 88 -26.32 -21.35 -2.62
C ASP A 88 -24.96 -21.19 -3.34
N GLY A 89 -24.54 -19.97 -3.66
CA GLY A 89 -23.20 -19.75 -4.20
C GLY A 89 -22.17 -19.43 -3.13
N LYS A 90 -22.56 -19.62 -1.86
CA LYS A 90 -21.79 -19.14 -0.74
C LYS A 90 -21.06 -20.26 0.00
N LEU A 91 -20.04 -19.90 0.76
CA LEU A 91 -19.27 -20.83 1.60
C LEU A 91 -19.19 -20.31 3.03
N TRP A 92 -19.73 -21.09 3.95
CA TRP A 92 -19.82 -20.74 5.37
C TRP A 92 -18.78 -21.53 6.14
N ILE A 93 -17.96 -20.84 6.94
CA ILE A 93 -16.95 -21.50 7.78
C ILE A 93 -16.95 -20.88 9.19
N MET A 94 -17.31 -21.69 10.18
CA MET A 94 -17.51 -21.20 11.54
C MET A 94 -16.31 -21.61 12.40
N ILE A 95 -15.77 -20.65 13.13
CA ILE A 95 -14.62 -20.86 13.99
C ILE A 95 -15.01 -20.57 15.42
N GLU A 96 -14.34 -21.22 16.36
CA GLU A 96 -14.39 -20.86 17.76
C GLU A 96 -14.12 -19.36 17.93
N PHE A 97 -15.10 -18.64 18.49
CA PHE A 97 -14.98 -17.21 18.76
C PHE A 97 -13.93 -16.99 19.86
N CYS A 98 -12.94 -16.12 19.58
CA CYS A 98 -11.87 -15.79 20.53
C CYS A 98 -12.06 -14.35 20.98
N PRO A 99 -12.68 -14.16 22.15
CA PRO A 99 -13.17 -12.83 22.51
C PRO A 99 -12.12 -11.82 22.92
N GLY A 100 -10.87 -12.21 22.99
CA GLY A 100 -9.82 -11.26 23.36
C GLY A 100 -9.24 -10.55 22.16
N GLY A 101 -9.59 -11.01 20.95
CA GLY A 101 -9.09 -10.40 19.74
C GLY A 101 -7.62 -10.63 19.54
N ALA A 102 -7.08 -10.10 18.45
CA ALA A 102 -5.70 -10.36 18.07
C ALA A 102 -4.74 -9.54 18.89
N VAL A 103 -3.56 -10.06 19.04
CA VAL A 103 -2.58 -9.40 19.86
C VAL A 103 -2.22 -8.02 19.29
N ASP A 104 -2.14 -7.87 17.97
CA ASP A 104 -1.80 -6.56 17.40
C ASP A 104 -2.89 -5.50 17.67
N ALA A 105 -4.16 -5.91 17.59
CA ALA A 105 -5.29 -5.09 17.97
C ALA A 105 -5.25 -4.78 19.48
N ILE A 106 -4.83 -5.76 20.27
CA ILE A 106 -4.55 -5.49 21.68
C ILE A 106 -3.49 -4.39 21.87
N MET A 107 -2.40 -4.45 21.13
CA MET A 107 -1.34 -3.44 21.25
C MET A 107 -1.78 -2.06 20.75
N LEU A 108 -2.75 -2.03 19.84
CA LEU A 108 -3.30 -0.77 19.37
C LEU A 108 -4.21 -0.16 20.47
N GLU A 109 -5.05 -0.97 21.10
CA GLU A 109 -5.97 -0.49 22.14
C GLU A 109 -5.25 -0.01 23.40
N LEU A 110 -4.29 -0.78 23.89
CA LEU A 110 -3.49 -0.37 25.03
C LEU A 110 -2.44 0.68 24.70
N ASP A 111 -2.18 0.87 23.41
CA ASP A 111 -1.21 1.85 22.96
C ASP A 111 0.19 1.55 23.50
N ARG A 112 0.56 0.26 23.50
CA ARG A 112 1.90 -0.15 23.88
C ARG A 112 2.20 -1.59 23.51
N GLY A 113 3.46 -1.97 23.67
CA GLY A 113 3.88 -3.35 23.42
C GLY A 113 3.55 -4.22 24.62
N LEU A 114 3.87 -5.52 24.50
CA LEU A 114 3.72 -6.44 25.60
C LEU A 114 4.99 -6.41 26.48
N THR A 115 4.82 -6.70 27.76
CA THR A 115 5.94 -6.87 28.68
C THR A 115 6.67 -8.20 28.44
N GLU A 116 7.87 -8.35 28.97
CA GLU A 116 8.62 -9.59 28.73
C GLU A 116 7.88 -10.82 29.26
N PRO A 117 7.35 -10.77 30.51
CA PRO A 117 6.55 -11.90 30.99
C PRO A 117 5.35 -12.23 30.10
N GLN A 118 4.74 -11.24 29.48
CA GLN A 118 3.69 -11.53 28.50
C GLN A 118 4.22 -12.21 27.22
N ILE A 119 5.33 -11.72 26.69
CA ILE A 119 5.86 -12.29 25.47
C ILE A 119 6.19 -13.76 25.72
N GLN A 120 6.73 -14.06 26.91
CA GLN A 120 7.16 -15.43 27.23
C GLN A 120 6.01 -16.41 27.11
N VAL A 121 4.85 -16.04 27.58
CA VAL A 121 3.72 -16.92 27.52
C VAL A 121 3.30 -17.14 26.08
N VAL A 122 3.24 -16.08 25.30
CA VAL A 122 2.88 -16.17 23.87
C VAL A 122 3.90 -17.03 23.14
N CYS A 123 5.16 -16.82 23.44
CA CYS A 123 6.23 -17.49 22.73
C CYS A 123 6.15 -18.97 23.03
N ARG A 124 6.12 -19.32 24.31
CA ARG A 124 5.93 -20.69 24.79
C ARG A 124 4.73 -21.37 24.16
N GLN A 125 3.60 -20.71 24.16
CA GLN A 125 2.40 -21.31 23.56
C GLN A 125 2.49 -21.46 22.04
N MET A 126 3.17 -20.54 21.35
CA MET A 126 3.34 -20.66 19.90
C MET A 126 4.25 -21.82 19.54
N LEU A 127 5.32 -21.96 20.30
CA LEU A 127 6.19 -23.09 20.16
C LEU A 127 5.44 -24.43 20.25
N GLU A 128 4.51 -24.57 21.19
CA GLU A 128 3.76 -25.82 21.32
C GLU A 128 2.89 -26.01 20.08
N ALA A 129 2.32 -24.94 19.57
CA ALA A 129 1.48 -25.04 18.36
C ALA A 129 2.29 -25.43 17.14
N LEU A 130 3.42 -24.76 16.96
CA LEU A 130 4.28 -25.01 15.83
C LEU A 130 4.82 -26.42 15.89
N ASN A 131 5.25 -26.83 17.08
CA ASN A 131 5.76 -28.17 17.25
C ASN A 131 4.72 -29.20 16.89
N PHE A 132 3.46 -28.91 17.15
CA PHE A 132 2.40 -29.83 16.77
C PHE A 132 2.21 -29.78 15.27
N LEU A 133 2.04 -28.56 14.74
CA LEU A 133 1.91 -28.39 13.31
C LEU A 133 3.03 -29.08 12.50
N HIS A 134 4.28 -28.90 12.91
CA HIS A 134 5.41 -29.40 12.16
C HIS A 134 5.52 -30.92 12.16
N SER A 135 4.98 -31.55 13.21
CA SER A 135 4.96 -33.01 13.28
C SER A 135 3.82 -33.61 12.45
N LYS A 136 2.84 -32.78 12.09
CA LYS A 136 1.83 -33.15 11.09
C LYS A 136 2.24 -32.71 9.66
N ARG A 137 3.47 -32.22 9.52
CA ARG A 137 4.03 -31.76 8.26
C ARG A 137 3.28 -30.56 7.70
N ILE A 138 2.80 -29.68 8.57
CA ILE A 138 2.12 -28.45 8.14
C ILE A 138 2.94 -27.24 8.52
N ILE A 139 3.09 -26.32 7.58
CA ILE A 139 3.81 -25.06 7.81
C ILE A 139 2.83 -23.91 7.79
N HIS A 140 2.97 -23.00 8.73
CA HIS A 140 2.05 -21.89 8.78
C HIS A 140 2.35 -20.83 7.71
N ARG A 141 3.60 -20.40 7.62
CA ARG A 141 4.08 -19.41 6.63
C ARG A 141 3.46 -18.01 6.75
N ASP A 142 2.69 -17.74 7.81
CA ASP A 142 2.00 -16.45 7.92
C ASP A 142 1.83 -16.00 9.37
N LEU A 143 2.85 -16.29 10.17
CA LEU A 143 2.88 -15.94 11.55
C LEU A 143 3.19 -14.49 11.73
N LYS A 144 2.34 -13.80 12.46
CA LYS A 144 2.49 -12.40 12.79
C LYS A 144 1.50 -12.14 13.93
N ALA A 145 1.75 -11.09 14.71
CA ALA A 145 0.91 -10.84 15.87
C ALA A 145 -0.58 -10.73 15.51
N GLY A 146 -0.89 -10.34 14.28
CA GLY A 146 -2.28 -10.26 13.83
C GLY A 146 -3.00 -11.58 13.63
N ASN A 147 -2.24 -12.68 13.62
CA ASN A 147 -2.81 -14.04 13.53
C ASN A 147 -2.77 -14.84 14.85
N VAL A 148 -2.25 -14.22 15.91
CA VAL A 148 -2.34 -14.78 17.23
C VAL A 148 -3.60 -14.21 17.93
N LEU A 149 -4.62 -15.03 18.08
CA LEU A 149 -5.85 -14.59 18.74
C LEU A 149 -5.78 -14.98 20.23
N MET A 150 -6.50 -14.25 21.08
CA MET A 150 -6.56 -14.50 22.51
C MET A 150 -7.94 -14.88 22.98
N THR A 151 -7.99 -15.89 23.83
CA THR A 151 -9.18 -16.22 24.62
C THR A 151 -9.16 -15.47 25.95
N LEU A 152 -10.29 -15.40 26.64
CA LEU A 152 -10.35 -14.66 27.91
C LEU A 152 -9.55 -15.33 29.01
N GLU A 153 -9.30 -16.62 28.89
CA GLU A 153 -8.51 -17.37 29.86
C GLU A 153 -7.04 -17.09 29.74
N GLY A 154 -6.64 -16.29 28.75
CA GLY A 154 -5.24 -15.95 28.53
C GLY A 154 -4.46 -16.96 27.70
N ASP A 155 -5.16 -17.73 26.88
CA ASP A 155 -4.50 -18.64 25.93
C ASP A 155 -4.60 -18.13 24.51
N ILE A 156 -3.58 -18.40 23.71
CA ILE A 156 -3.61 -18.04 22.30
C ILE A 156 -4.41 -19.02 21.45
N ARG A 157 -4.74 -18.56 20.25
CA ARG A 157 -5.20 -19.43 19.20
C ARG A 157 -4.57 -18.98 17.88
N LEU A 158 -3.90 -19.89 17.18
CA LEU A 158 -3.45 -19.68 15.82
C LEU A 158 -4.65 -19.86 14.89
N ALA A 159 -4.77 -18.96 13.90
CA ALA A 159 -6.06 -18.71 13.27
C ALA A 159 -6.16 -18.87 11.75
N ASP A 160 -5.23 -18.30 11.00
CA ASP A 160 -5.43 -18.15 9.54
C ASP A 160 -4.47 -19.05 8.77
N PHE A 161 -5.03 -20.07 8.14
CA PHE A 161 -4.23 -21.02 7.36
C PHE A 161 -4.46 -20.80 5.86
N GLY A 162 -4.70 -19.55 5.46
CA GLY A 162 -4.97 -19.19 4.07
C GLY A 162 -3.75 -19.22 3.16
N VAL A 163 -2.57 -18.97 3.75
CA VAL A 163 -1.30 -19.05 3.04
C VAL A 163 -0.84 -20.51 3.01
N SER A 164 -0.85 -21.13 4.17
CA SER A 164 -0.47 -22.53 4.30
C SER A 164 -1.23 -23.44 3.35
N ALA A 165 -2.53 -23.18 3.19
CA ALA A 165 -3.39 -23.96 2.31
C ALA A 165 -3.06 -23.75 0.83
N LYS A 166 -2.78 -22.50 0.46
CA LYS A 166 -2.35 -22.16 -0.90
C LYS A 166 -1.07 -22.91 -1.29
N ASN A 167 -0.17 -23.10 -0.33
CA ASN A 167 1.10 -23.79 -0.58
C ASN A 167 0.99 -25.30 -0.72
N LEU A 168 -0.05 -25.91 -0.14
CA LEU A 168 -0.36 -27.31 -0.45
C LEU A 168 -0.93 -27.40 -1.89
N LYS A 169 -0.55 -26.41 -2.72
CA LYS A 169 -0.45 -26.54 -4.19
C LYS A 169 0.62 -27.54 -4.63
N THR A 170 1.53 -27.91 -3.73
CA THR A 170 2.58 -28.90 -4.03
C THR A 170 2.00 -30.31 -4.19
N LEU A 171 0.87 -30.56 -3.54
CA LEU A 171 0.03 -31.75 -3.85
C LEU A 171 -0.16 -31.96 -5.36
N GLN A 172 -0.23 -30.86 -6.12
CA GLN A 172 -0.11 -30.88 -7.58
C GLN A 172 1.35 -30.81 -8.00
N THR A 180 18.57 -38.02 -12.35
CA THR A 180 17.78 -37.24 -13.31
C THR A 180 18.31 -35.79 -13.49
N PRO A 181 18.53 -35.07 -12.39
CA PRO A 181 18.82 -33.64 -12.42
C PRO A 181 20.31 -33.34 -12.34
N TYR A 182 21.11 -33.98 -13.18
CA TYR A 182 22.55 -33.73 -13.19
C TYR A 182 22.85 -32.33 -13.71
N TRP A 183 21.89 -31.73 -14.43
CA TRP A 183 22.05 -30.44 -15.11
C TRP A 183 21.42 -29.29 -14.34
N MET A 184 20.98 -29.57 -13.10
CA MET A 184 20.22 -28.62 -12.30
C MET A 184 21.14 -27.62 -11.65
N ALA A 185 20.73 -26.37 -11.58
CA ALA A 185 21.56 -25.31 -11.01
C ALA A 185 21.51 -25.34 -9.49
N PRO A 186 22.59 -24.90 -8.81
CA PRO A 186 22.67 -24.87 -7.35
C PRO A 186 21.46 -24.21 -6.68
N GLU A 187 21.16 -22.99 -7.08
CA GLU A 187 20.08 -22.24 -6.49
C GLU A 187 18.72 -22.85 -6.78
N VAL A 188 18.64 -23.76 -7.74
CA VAL A 188 17.38 -24.42 -8.02
C VAL A 188 17.24 -25.62 -7.10
N VAL A 189 18.37 -26.29 -6.87
CA VAL A 189 18.43 -27.44 -5.98
C VAL A 189 18.01 -27.01 -4.60
N MET A 190 18.61 -25.93 -4.12
CA MET A 190 18.33 -25.41 -2.81
C MET A 190 16.91 -24.92 -2.63
N CYS A 191 16.26 -24.43 -3.68
CA CYS A 191 14.84 -24.03 -3.56
C CYS A 191 13.87 -25.20 -3.66
N GLU A 192 14.38 -26.40 -3.87
CA GLU A 192 13.57 -27.61 -3.77
C GLU A 192 13.68 -28.19 -2.37
N THR A 193 14.89 -28.41 -1.87
CA THR A 193 15.07 -28.98 -0.50
C THR A 193 14.61 -27.98 0.58
N MET A 194 14.80 -26.69 0.31
CA MET A 194 14.33 -25.62 1.19
C MET A 194 12.82 -25.60 1.26
N LYS A 195 12.17 -25.67 0.10
CA LYS A 195 10.74 -25.50 0.00
C LYS A 195 9.98 -26.81 0.22
N ASP A 196 10.68 -27.94 0.19
CA ASP A 196 10.04 -29.26 0.31
C ASP A 196 9.84 -29.73 1.74
N THR A 197 10.93 -30.12 2.41
CA THR A 197 10.82 -30.75 3.72
C THR A 197 11.96 -30.25 4.60
N PRO A 198 12.72 -31.13 5.30
CA PRO A 198 13.33 -30.80 6.62
C PRO A 198 13.69 -29.31 6.86
N TYR A 199 13.90 -28.57 5.78
CA TYR A 199 14.36 -27.18 5.85
C TYR A 199 13.24 -26.15 5.98
N ASP A 200 12.08 -26.37 5.37
CA ASP A 200 11.08 -25.28 5.35
C ASP A 200 10.28 -25.17 6.63
N TYR A 201 10.37 -26.15 7.53
CA TYR A 201 9.82 -25.99 8.88
C TYR A 201 10.42 -24.77 9.53
N LYS A 202 11.67 -24.49 9.19
CA LYS A 202 12.42 -23.45 9.86
C LYS A 202 11.93 -22.03 9.53
N ALA A 203 11.11 -21.89 8.50
CA ALA A 203 10.60 -20.58 8.11
C ALA A 203 9.67 -20.04 9.18
N ASP A 204 8.79 -20.90 9.69
CA ASP A 204 7.93 -20.54 10.83
C ASP A 204 8.76 -20.10 12.04
N ILE A 205 9.87 -20.78 12.28
CA ILE A 205 10.77 -20.42 13.37
C ILE A 205 11.29 -19.00 13.22
N TRP A 206 11.70 -18.61 12.01
CA TRP A 206 12.14 -17.24 11.78
C TRP A 206 11.02 -16.25 12.04
N SER A 207 9.86 -16.51 11.45
CA SER A 207 8.69 -15.65 11.59
C SER A 207 8.33 -15.43 13.04
N LEU A 208 8.41 -16.51 13.83
CA LEU A 208 8.20 -16.45 15.26
C LEU A 208 9.14 -15.42 15.87
N GLY A 209 10.43 -15.56 15.63
CA GLY A 209 11.39 -14.57 16.10
C GLY A 209 10.94 -13.14 15.81
N ILE A 210 10.47 -12.90 14.57
CA ILE A 210 10.02 -11.57 14.13
C ILE A 210 8.72 -11.15 14.82
N THR A 211 7.82 -12.10 15.05
CA THR A 211 6.60 -11.82 15.83
C THR A 211 6.93 -11.42 17.24
N LEU A 212 7.96 -12.01 17.83
CA LEU A 212 8.39 -11.57 19.19
C LEU A 212 8.90 -10.14 19.20
N ILE A 213 9.62 -9.71 18.16
CA ILE A 213 10.09 -8.31 18.12
C ILE A 213 8.93 -7.33 17.89
N GLU A 214 8.01 -7.67 16.99
CA GLU A 214 6.77 -6.93 16.82
C GLU A 214 6.06 -6.77 18.15
N MET A 215 5.95 -7.82 18.94
CA MET A 215 5.25 -7.72 20.25
C MET A 215 5.97 -6.82 21.22
N ALA A 216 7.29 -6.85 21.23
CA ALA A 216 8.03 -5.98 22.11
C ALA A 216 7.97 -4.53 21.65
N GLN A 217 8.00 -4.30 20.34
CA GLN A 217 8.18 -2.94 19.82
C GLN A 217 6.98 -2.41 19.04
N ILE A 218 5.89 -3.15 19.02
CA ILE A 218 4.65 -2.81 18.32
C ILE A 218 4.75 -3.03 16.82
N GLU A 219 5.87 -2.62 16.22
CA GLU A 219 6.08 -2.77 14.77
C GLU A 219 7.29 -3.68 14.46
N PRO A 220 7.15 -4.56 13.45
CA PRO A 220 8.23 -5.49 13.09
C PRO A 220 9.44 -4.74 12.59
N PRO A 221 10.58 -5.44 12.45
CA PRO A 221 11.73 -4.76 11.91
C PRO A 221 11.48 -4.28 10.49
N HIS A 222 12.00 -3.09 10.18
CA HIS A 222 11.89 -2.51 8.84
C HIS A 222 10.50 -1.99 8.48
N HIS A 223 9.62 -1.79 9.47
CA HIS A 223 8.29 -1.21 9.26
CA HIS A 223 8.30 -1.28 9.13
C HIS A 223 8.32 0.11 8.50
N GLU A 224 9.39 0.89 8.74
CA GLU A 224 9.52 2.24 8.15
C GLU A 224 9.78 2.24 6.64
N LEU A 225 10.32 1.11 6.16
CA LEU A 225 10.56 0.91 4.75
C LEU A 225 9.29 0.53 4.01
N ASN A 226 9.22 0.98 2.76
CA ASN A 226 8.20 0.59 1.81
C ASN A 226 8.24 -0.93 1.58
N PRO A 227 7.07 -1.57 1.38
CA PRO A 227 6.98 -3.04 1.27
C PRO A 227 7.89 -3.71 0.24
N MET A 228 8.11 -3.08 -0.90
CA MET A 228 8.97 -3.68 -1.94
C MET A 228 10.42 -3.76 -1.49
N ARG A 229 10.87 -2.74 -0.77
CA ARG A 229 12.25 -2.67 -0.35
C ARG A 229 12.60 -3.57 0.87
N VAL A 230 11.60 -4.05 1.60
CA VAL A 230 11.88 -4.87 2.78
C VAL A 230 12.51 -6.20 2.40
N LEU A 231 12.00 -6.78 1.32
CA LEU A 231 12.45 -8.08 0.83
C LEU A 231 13.95 -8.06 0.62
N LEU A 232 14.43 -7.00 -0.02
CA LEU A 232 15.85 -6.82 -0.23
C LEU A 232 16.57 -6.64 1.11
N LYS A 233 16.00 -5.78 1.95
CA LYS A 233 16.58 -5.52 3.25
C LYS A 233 16.68 -6.82 4.07
N ILE A 234 15.67 -7.68 3.99
CA ILE A 234 15.72 -8.96 4.71
C ILE A 234 16.83 -9.83 4.16
N ALA A 235 17.02 -9.79 2.85
CA ALA A 235 18.01 -10.63 2.20
C ALA A 235 19.42 -10.28 2.63
N LYS A 236 19.82 -9.02 2.49
CA LYS A 236 21.20 -8.64 2.76
C LYS A 236 21.48 -8.21 4.20
N SER A 237 20.45 -7.94 5.00
CA SER A 237 20.69 -7.41 6.34
C SER A 237 21.20 -8.44 7.32
N ASP A 238 21.87 -7.99 8.36
CA ASP A 238 22.08 -8.82 9.53
C ASP A 238 20.73 -9.09 10.18
N PRO A 239 20.61 -10.21 10.90
CA PRO A 239 19.34 -10.51 11.55
C PRO A 239 18.95 -9.40 12.52
N PRO A 240 17.65 -9.07 12.57
CA PRO A 240 17.21 -8.01 13.46
C PRO A 240 17.38 -8.34 14.95
N THR A 241 17.60 -7.31 15.75
CA THR A 241 17.74 -7.43 17.18
C THR A 241 16.86 -6.36 17.79
N LEU A 242 16.63 -6.46 19.09
CA LEU A 242 15.75 -5.53 19.78
C LEU A 242 16.43 -4.17 19.85
N LEU A 243 15.64 -3.13 19.65
CA LEU A 243 16.15 -1.76 19.57
C LEU A 243 16.92 -1.37 20.81
N THR A 244 16.26 -1.46 21.96
CA THR A 244 16.87 -1.07 23.23
C THR A 244 17.11 -2.33 24.08
N PRO A 245 18.32 -2.93 23.95
CA PRO A 245 18.61 -4.17 24.67
C PRO A 245 18.76 -3.98 26.19
N SER A 246 18.85 -2.73 26.65
CA SER A 246 18.77 -2.42 28.08
C SER A 246 17.51 -3.01 28.69
N LYS A 247 16.37 -2.71 28.07
CA LYS A 247 15.07 -3.10 28.59
C LYS A 247 14.84 -4.60 28.78
N TRP A 248 15.59 -5.44 28.08
CA TRP A 248 15.23 -6.85 27.97
C TRP A 248 16.27 -7.76 28.59
N SER A 249 15.81 -8.94 29.00
CA SER A 249 16.67 -9.90 29.64
C SER A 249 17.58 -10.59 28.63
N VAL A 250 18.73 -11.07 29.13
CA VAL A 250 19.72 -11.78 28.32
C VAL A 250 19.11 -13.01 27.68
N GLU A 251 18.22 -13.68 28.40
CA GLU A 251 17.56 -14.86 27.87
C GLU A 251 16.72 -14.53 26.64
N PHE A 252 16.13 -13.34 26.59
CA PHE A 252 15.31 -12.90 25.47
C PHE A 252 16.20 -12.63 24.26
N ARG A 253 17.23 -11.85 24.47
CA ARG A 253 18.12 -11.51 23.39
C ARG A 253 18.78 -12.75 22.79
N ASP A 254 19.15 -13.70 23.65
CA ASP A 254 19.80 -14.93 23.19
C ASP A 254 18.82 -15.82 22.45
N PHE A 255 17.57 -15.77 22.85
CA PHE A 255 16.54 -16.56 22.18
C PHE A 255 16.39 -16.03 20.78
N LEU A 256 16.26 -14.71 20.66
CA LEU A 256 16.22 -14.05 19.36
C LEU A 256 17.47 -14.34 18.54
N LYS A 257 18.64 -14.25 19.17
CA LYS A 257 19.91 -14.47 18.49
C LYS A 257 19.89 -15.80 17.75
N ILE A 258 19.46 -16.86 18.42
CA ILE A 258 19.48 -18.19 17.83
C ILE A 258 18.24 -18.51 16.99
N ALA A 259 17.10 -17.90 17.27
CA ALA A 259 15.93 -18.14 16.42
C ALA A 259 16.12 -17.48 15.06
N LEU A 260 16.74 -16.31 15.05
CA LEU A 260 16.91 -15.50 13.83
C LEU A 260 18.29 -15.73 13.25
N ASP A 261 18.48 -16.97 12.82
CA ASP A 261 19.67 -17.42 12.12
C ASP A 261 19.26 -17.41 10.66
N LYS A 262 19.98 -16.66 9.85
CA LYS A 262 19.72 -16.62 8.40
C LYS A 262 19.98 -17.97 7.72
N ASN A 263 20.85 -18.80 8.30
CA ASN A 263 21.11 -20.15 7.79
C ASN A 263 20.11 -21.15 8.35
N PRO A 264 19.09 -21.53 7.56
CA PRO A 264 18.07 -22.40 8.11
C PRO A 264 18.60 -23.77 8.53
N GLU A 265 19.72 -24.20 7.98
CA GLU A 265 20.26 -25.51 8.35
C GLU A 265 20.63 -25.57 9.83
N THR A 266 21.25 -24.51 10.35
CA THR A 266 21.61 -24.46 11.78
C THR A 266 20.50 -23.91 12.68
N ARG A 267 19.55 -23.16 12.12
CA ARG A 267 18.42 -22.63 12.88
C ARG A 267 17.65 -23.77 13.55
N PRO A 268 17.27 -23.61 14.84
CA PRO A 268 16.64 -24.70 15.58
C PRO A 268 15.16 -24.91 15.29
N SER A 269 14.66 -26.08 15.66
CA SER A 269 13.25 -26.40 15.51
C SER A 269 12.49 -25.91 16.74
N ALA A 270 11.16 -25.88 16.63
CA ALA A 270 10.31 -25.55 17.78
C ALA A 270 10.66 -26.44 18.99
N ALA A 271 10.68 -27.75 18.78
CA ALA A 271 10.98 -28.70 19.86
C ALA A 271 12.28 -28.37 20.59
N GLN A 272 13.29 -27.93 19.85
CA GLN A 272 14.53 -27.50 20.48
C GLN A 272 14.37 -26.23 21.31
N LEU A 273 13.62 -25.26 20.79
CA LEU A 273 13.47 -23.99 21.47
C LEU A 273 12.59 -24.07 22.72
N LEU A 274 11.80 -25.14 22.84
CA LEU A 274 11.05 -25.39 24.08
C LEU A 274 11.98 -25.75 25.25
N GLU A 275 13.24 -26.04 24.96
CA GLU A 275 14.24 -26.30 25.99
C GLU A 275 15.08 -25.05 26.30
N HIS A 276 14.71 -23.89 25.77
CA HIS A 276 15.45 -22.66 26.02
C HIS A 276 14.94 -21.99 27.29
N PRO A 277 15.84 -21.46 28.15
CA PRO A 277 15.48 -20.86 29.46
C PRO A 277 14.41 -19.75 29.42
N PHE A 278 14.34 -19.05 28.31
CA PHE A 278 13.32 -18.03 28.07
C PHE A 278 11.88 -18.59 28.17
N VAL A 279 11.69 -19.87 27.88
CA VAL A 279 10.35 -20.50 27.95
C VAL A 279 10.26 -21.82 28.73
N SER A 280 11.39 -22.36 29.16
CA SER A 280 11.38 -23.69 29.78
C SER A 280 10.84 -23.67 31.22
N SER A 281 10.70 -22.49 31.82
CA SER A 281 10.19 -22.34 33.19
C SER A 281 8.82 -21.65 33.26
N ILE A 282 8.13 -21.58 32.12
CA ILE A 282 6.85 -20.92 32.07
C ILE A 282 5.79 -21.93 32.39
N THR A 283 5.28 -21.86 33.61
CA THR A 283 4.27 -22.80 34.09
C THR A 283 2.84 -22.23 34.07
N SER A 284 2.66 -20.91 34.09
CA SER A 284 1.31 -20.34 34.03
C SER A 284 1.13 -19.24 32.98
N ASN A 285 -0.12 -19.06 32.55
CA ASN A 285 -0.47 -18.06 31.55
C ASN A 285 -0.99 -16.75 32.17
N LYS A 286 -0.71 -16.54 33.46
CA LYS A 286 -1.23 -15.41 34.22
C LYS A 286 -0.95 -14.06 33.56
N ALA A 287 0.30 -13.82 33.16
CA ALA A 287 0.66 -12.55 32.54
C ALA A 287 -0.22 -12.22 31.33
N LEU A 288 -0.65 -13.22 30.59
CA LEU A 288 -1.55 -12.97 29.45
C LEU A 288 -2.97 -12.85 29.88
N ARG A 289 -3.37 -13.56 30.93
CA ARG A 289 -4.70 -13.37 31.51
C ARG A 289 -4.85 -11.90 31.93
N GLU A 290 -3.80 -11.34 32.53
CA GLU A 290 -3.79 -9.95 32.96
C GLU A 290 -3.84 -8.95 31.80
N LEU A 291 -3.09 -9.23 30.73
CA LEU A 291 -3.07 -8.35 29.57
C LEU A 291 -4.43 -8.33 28.87
N VAL A 292 -5.07 -9.50 28.75
CA VAL A 292 -6.37 -9.54 28.10
C VAL A 292 -7.40 -8.75 28.90
N ALA A 293 -7.25 -8.72 30.22
CA ALA A 293 -8.21 -8.05 31.09
C ALA A 293 -8.04 -6.53 30.97
N GLU A 294 -6.80 -6.06 30.97
CA GLU A 294 -6.49 -4.66 30.70
C GLU A 294 -7.05 -4.21 29.36
N ALA A 295 -6.99 -5.07 28.35
CA ALA A 295 -7.48 -4.69 27.02
C ALA A 295 -8.97 -4.53 27.01
N LYS A 296 -9.65 -5.45 27.69
CA LYS A 296 -11.10 -5.46 27.71
C LYS A 296 -11.63 -4.22 28.39
N ALA A 297 -10.90 -3.80 29.41
CA ALA A 297 -11.32 -2.70 30.24
C ALA A 297 -11.07 -1.42 29.47
N GLU A 298 -9.96 -1.39 28.73
CA GLU A 298 -9.65 -0.24 27.88
C GLU A 298 -10.69 -0.06 26.79
N VAL A 299 -11.14 -1.16 26.20
CA VAL A 299 -12.22 -1.09 25.21
C VAL A 299 -13.50 -0.47 25.77
N MET A 300 -13.75 -0.62 27.06
CA MET A 300 -14.94 -0.03 27.68
C MET A 300 -14.68 1.48 27.91
N GLU A 301 -13.38 1.80 28.03
CA GLU A 301 -12.71 3.14 27.90
C GLU A 301 -11.76 3.51 29.10
N GLU B 9 -23.74 25.38 -18.97
CA GLU B 9 -23.38 23.96 -18.70
C GLU B 9 -22.58 23.38 -19.87
N HIS B 10 -21.37 22.92 -19.57
CA HIS B 10 -20.51 22.22 -20.55
C HIS B 10 -20.88 20.75 -20.69
N VAL B 11 -21.65 20.23 -19.73
CA VAL B 11 -22.14 18.87 -19.80
C VAL B 11 -23.48 18.89 -20.55
N ARG B 12 -23.49 18.37 -21.78
CA ARG B 12 -24.71 18.26 -22.57
C ARG B 12 -25.56 17.12 -22.02
N ARG B 13 -26.67 17.47 -21.35
CA ARG B 13 -27.62 16.48 -20.83
C ARG B 13 -28.45 15.88 -21.96
N ASP B 14 -28.69 16.69 -23.00
CA ASP B 14 -29.21 16.20 -24.27
C ASP B 14 -28.10 15.52 -25.07
N LEU B 15 -28.47 14.81 -26.14
CA LEU B 15 -27.53 14.19 -27.08
C LEU B 15 -26.75 13.00 -26.47
N ASP B 16 -27.08 11.79 -26.94
CA ASP B 16 -26.36 10.57 -26.55
C ASP B 16 -24.97 10.58 -27.19
N PRO B 17 -23.92 10.18 -26.42
CA PRO B 17 -22.53 10.31 -26.89
C PRO B 17 -22.11 9.28 -27.96
N ASN B 18 -22.90 8.24 -28.18
CA ASN B 18 -22.62 7.28 -29.27
C ASN B 18 -23.03 7.78 -30.66
N GLU B 19 -23.61 8.97 -30.73
CA GLU B 19 -23.81 9.65 -32.01
C GLU B 19 -22.47 10.19 -32.52
N VAL B 20 -21.71 10.85 -31.65
CA VAL B 20 -20.44 11.45 -32.02
C VAL B 20 -19.25 10.52 -31.79
N TRP B 21 -19.21 9.85 -30.64
CA TRP B 21 -18.00 9.13 -30.22
C TRP B 21 -18.11 7.60 -30.29
N GLU B 22 -16.95 6.94 -30.37
CA GLU B 22 -16.86 5.50 -30.58
C GLU B 22 -15.62 4.95 -29.87
N ILE B 23 -15.80 3.91 -29.06
CA ILE B 23 -14.70 3.32 -28.27
C ILE B 23 -13.88 2.32 -29.10
N VAL B 24 -12.58 2.28 -28.86
CA VAL B 24 -11.67 1.36 -29.58
C VAL B 24 -10.66 0.58 -28.73
N GLY B 25 -10.36 1.03 -27.52
CA GLY B 25 -9.40 0.31 -26.67
C GLY B 25 -9.43 0.69 -25.20
N GLU B 26 -8.61 -0.01 -24.42
CA GLU B 26 -8.31 0.36 -23.04
C GLU B 26 -6.93 0.99 -23.00
N LEU B 27 -6.50 1.43 -21.82
CA LEU B 27 -5.15 2.01 -21.65
C LEU B 27 -4.50 1.58 -20.31
N GLY B 28 -5.18 1.80 -19.18
CA GLY B 28 -4.64 1.34 -17.89
C GLY B 28 -5.51 1.53 -16.65
N ASP B 29 -5.36 0.61 -15.69
CA ASP B 29 -6.02 0.69 -14.38
C ASP B 29 -4.99 1.06 -13.30
N GLY B 30 -4.99 2.32 -12.89
CA GLY B 30 -4.00 2.85 -11.95
C GLY B 30 -4.53 3.08 -10.54
N ALA B 31 -5.65 3.80 -10.44
CA ALA B 31 -6.24 4.16 -9.14
C ALA B 31 -7.68 4.67 -9.26
N PHE B 32 -7.88 5.72 -10.06
CA PHE B 32 -9.20 6.34 -10.24
C PHE B 32 -10.18 5.47 -11.03
N GLY B 33 -9.68 4.74 -12.03
CA GLY B 33 -10.52 3.77 -12.76
C GLY B 33 -9.95 3.28 -14.08
N LYS B 34 -10.85 2.95 -15.00
CA LYS B 34 -10.48 2.53 -16.36
C LYS B 34 -10.47 3.75 -17.30
N VAL B 35 -9.65 3.67 -18.35
CA VAL B 35 -9.46 4.77 -19.29
C VAL B 35 -9.50 4.22 -20.72
N TYR B 36 -10.51 4.61 -21.48
CA TYR B 36 -10.73 4.10 -22.82
C TYR B 36 -10.13 5.01 -23.89
N LYS B 37 -9.75 4.39 -25.01
CA LYS B 37 -9.27 5.11 -26.18
C LYS B 37 -10.47 5.29 -27.11
N ALA B 38 -10.75 6.52 -27.52
CA ALA B 38 -11.99 6.85 -28.22
C ALA B 38 -11.73 7.53 -29.56
N LYS B 39 -12.69 7.36 -30.48
CA LYS B 39 -12.58 7.86 -31.86
C LYS B 39 -13.82 8.67 -32.21
N ASN B 40 -13.64 9.76 -32.94
CA ASN B 40 -14.76 10.62 -33.36
C ASN B 40 -15.39 10.13 -34.66
N LYS B 41 -16.69 9.83 -34.62
CA LYS B 41 -17.39 9.31 -35.80
C LYS B 41 -17.32 10.25 -37.01
N GLU B 42 -17.48 11.55 -36.77
CA GLU B 42 -17.43 12.55 -37.85
C GLU B 42 -16.00 12.81 -38.33
N THR B 43 -15.21 13.47 -37.48
CA THR B 43 -13.85 13.91 -37.85
C THR B 43 -12.79 12.80 -37.81
N GLY B 44 -13.07 11.71 -37.09
CA GLY B 44 -12.11 10.60 -36.94
C GLY B 44 -11.01 10.82 -35.92
N ALA B 45 -11.10 11.91 -35.16
CA ALA B 45 -10.03 12.29 -34.23
C ALA B 45 -10.02 11.41 -32.98
N LEU B 46 -8.82 11.17 -32.47
CA LEU B 46 -8.62 10.35 -31.29
C LEU B 46 -8.81 11.18 -30.01
N ALA B 47 -9.37 10.54 -28.99
CA ALA B 47 -9.55 11.14 -27.69
C ALA B 47 -9.35 10.08 -26.63
N ALA B 48 -9.06 10.50 -25.40
CA ALA B 48 -8.99 9.60 -24.25
C ALA B 48 -10.21 9.89 -23.39
N ALA B 49 -10.88 8.84 -22.94
CA ALA B 49 -12.19 8.98 -22.32
C ALA B 49 -12.26 8.37 -20.93
N LYS B 50 -13.15 8.93 -20.11
CA LYS B 50 -13.61 8.31 -18.87
C LYS B 50 -15.12 8.16 -18.92
N VAL B 51 -15.59 6.92 -18.76
CA VAL B 51 -17.01 6.64 -18.62
C VAL B 51 -17.24 6.27 -17.17
N ILE B 52 -17.93 7.14 -16.44
CA ILE B 52 -18.13 6.98 -15.00
C ILE B 52 -19.64 7.07 -14.68
N GLU B 57 -25.66 11.21 -7.10
CA GLU B 57 -25.59 12.52 -7.74
C GLU B 57 -24.92 13.60 -6.88
N GLU B 58 -24.71 13.32 -5.59
CA GLU B 58 -24.02 14.26 -4.70
C GLU B 58 -22.54 14.34 -5.04
N GLU B 59 -21.85 13.18 -4.98
CA GLU B 59 -20.42 13.08 -5.31
C GLU B 59 -20.09 13.57 -6.72
N LEU B 60 -20.94 13.23 -7.68
CA LEU B 60 -20.83 13.68 -9.07
C LEU B 60 -20.28 15.11 -9.20
N GLU B 61 -20.77 16.01 -8.34
CA GLU B 61 -20.31 17.39 -8.28
C GLU B 61 -18.80 17.59 -8.44
N ASP B 62 -18.00 16.65 -7.92
CA ASP B 62 -16.53 16.74 -8.02
C ASP B 62 -16.03 16.69 -9.46
N TYR B 63 -16.63 15.81 -10.27
CA TYR B 63 -16.23 15.66 -11.68
C TYR B 63 -16.73 16.83 -12.53
N ILE B 64 -17.90 17.36 -12.19
CA ILE B 64 -18.45 18.54 -12.87
C ILE B 64 -17.54 19.75 -12.65
N VAL B 65 -17.00 19.88 -11.44
CA VAL B 65 -16.07 20.95 -11.12
C VAL B 65 -14.76 20.76 -11.91
N GLU B 66 -14.32 19.53 -12.08
CA GLU B 66 -13.14 19.26 -12.91
C GLU B 66 -13.38 19.70 -14.35
N ILE B 67 -14.57 19.36 -14.87
CA ILE B 67 -14.94 19.74 -16.23
C ILE B 67 -14.98 21.26 -16.40
N GLU B 68 -15.62 21.95 -15.46
CA GLU B 68 -15.63 23.42 -15.51
C GLU B 68 -14.20 23.96 -15.56
N ILE B 69 -13.32 23.45 -14.70
CA ILE B 69 -11.91 23.87 -14.71
C ILE B 69 -11.28 23.67 -16.08
N LEU B 70 -11.44 22.47 -16.62
CA LEU B 70 -10.83 22.11 -17.90
C LEU B 70 -11.38 23.00 -19.03
N ALA B 71 -12.67 23.28 -18.99
CA ALA B 71 -13.31 24.12 -20.00
C ALA B 71 -12.86 25.57 -19.93
N THR B 72 -12.52 26.05 -18.74
CA THR B 72 -12.03 27.42 -18.61
C THR B 72 -10.56 27.57 -19.02
N CYS B 73 -9.78 26.50 -18.86
CA CYS B 73 -8.34 26.57 -19.11
C CYS B 73 -7.95 26.26 -20.55
N ASP B 74 -8.06 27.23 -21.44
CA ASP B 74 -7.45 27.12 -22.75
C ASP B 74 -5.99 27.59 -22.68
N HIS B 75 -5.06 26.64 -22.75
CA HIS B 75 -3.64 26.92 -22.86
C HIS B 75 -3.00 25.80 -23.64
N PRO B 76 -1.94 26.11 -24.44
CA PRO B 76 -1.26 25.06 -25.21
C PRO B 76 -0.85 23.82 -24.39
N TYR B 77 -0.27 24.02 -23.21
CA TYR B 77 0.22 22.96 -22.31
C TYR B 77 -0.78 22.36 -21.29
N ILE B 78 -2.07 22.47 -21.54
CA ILE B 78 -3.06 21.83 -20.72
C ILE B 78 -4.05 21.16 -21.65
N VAL B 79 -4.37 19.89 -21.38
CA VAL B 79 -5.21 19.09 -22.28
C VAL B 79 -6.50 19.76 -22.64
N LYS B 80 -6.86 19.70 -23.91
CA LYS B 80 -8.15 20.22 -24.37
C LYS B 80 -9.29 19.30 -23.96
N LEU B 81 -10.39 19.89 -23.52
CA LEU B 81 -11.63 19.13 -23.29
C LEU B 81 -12.39 19.06 -24.61
N LEU B 82 -12.54 17.86 -25.17
CA LEU B 82 -13.25 17.68 -26.45
C LEU B 82 -14.75 17.37 -26.32
N GLY B 83 -15.23 17.12 -25.11
CA GLY B 83 -16.65 16.80 -24.91
C GLY B 83 -16.98 16.30 -23.51
N ALA B 84 -18.24 16.45 -23.12
CA ALA B 84 -18.73 16.05 -21.79
C ALA B 84 -20.24 15.76 -21.82
N TYR B 85 -20.63 14.53 -21.44
CA TYR B 85 -22.00 14.02 -21.67
C TYR B 85 -22.63 13.34 -20.45
N TYR B 86 -23.98 13.32 -20.41
CA TYR B 86 -24.75 12.66 -19.35
C TYR B 86 -25.78 11.70 -19.94
N TRP B 92 -19.52 10.73 -19.44
CA TRP B 92 -18.52 10.65 -20.50
C TRP B 92 -17.72 11.96 -20.54
N ILE B 93 -16.39 11.84 -20.51
CA ILE B 93 -15.50 13.01 -20.59
C ILE B 93 -14.33 12.71 -21.54
N MET B 94 -14.27 13.43 -22.66
CA MET B 94 -13.30 13.15 -23.71
C MET B 94 -12.18 14.20 -23.66
N ILE B 95 -10.93 13.71 -23.69
CA ILE B 95 -9.74 14.54 -23.63
C ILE B 95 -8.95 14.38 -24.90
N GLU B 96 -8.21 15.42 -25.28
CA GLU B 96 -7.19 15.32 -26.32
C GLU B 96 -6.24 14.16 -26.02
N PHE B 97 -6.19 13.18 -26.92
CA PHE B 97 -5.29 12.03 -26.79
C PHE B 97 -3.84 12.48 -26.92
N CYS B 98 -3.01 12.12 -25.94
CA CYS B 98 -1.58 12.48 -25.91
C CYS B 98 -0.78 11.22 -26.13
N PRO B 99 -0.33 10.97 -27.37
CA PRO B 99 0.18 9.66 -27.71
C PRO B 99 1.57 9.33 -27.20
N GLY B 100 2.24 10.25 -26.53
CA GLY B 100 3.56 9.98 -26.00
C GLY B 100 3.49 9.40 -24.59
N GLY B 101 2.31 9.42 -23.98
CA GLY B 101 2.12 8.87 -22.64
C GLY B 101 2.83 9.70 -21.61
N ALA B 102 2.72 9.30 -20.35
CA ALA B 102 3.22 10.07 -19.24
C ALA B 102 4.71 9.92 -19.10
N VAL B 103 5.34 10.94 -18.53
CA VAL B 103 6.77 10.94 -18.41
C VAL B 103 7.26 9.80 -17.52
N ASP B 104 6.54 9.47 -16.46
CA ASP B 104 6.97 8.35 -15.59
C ASP B 104 6.93 6.98 -16.30
N ALA B 105 5.90 6.77 -17.12
CA ALA B 105 5.79 5.60 -17.99
C ALA B 105 6.90 5.61 -19.02
N ILE B 106 7.23 6.80 -19.53
CA ILE B 106 8.40 6.93 -20.38
C ILE B 106 9.69 6.46 -19.67
N MET B 107 9.89 6.87 -18.41
CA MET B 107 11.08 6.47 -17.66
C MET B 107 11.10 4.97 -17.33
N LEU B 108 9.93 4.37 -17.27
CA LEU B 108 9.80 2.94 -17.11
C LEU B 108 10.22 2.18 -18.37
N GLU B 109 9.72 2.61 -19.52
CA GLU B 109 10.01 1.96 -20.80
C GLU B 109 11.47 2.08 -21.20
N LEU B 110 12.04 3.27 -21.08
CA LEU B 110 13.47 3.46 -21.37
C LEU B 110 14.37 2.95 -20.27
N ASP B 111 13.81 2.68 -19.10
CA ASP B 111 14.56 2.16 -17.96
C ASP B 111 15.66 3.14 -17.54
N ARG B 112 15.34 4.43 -17.53
CA ARG B 112 16.26 5.45 -17.05
C ARG B 112 15.57 6.80 -16.82
N GLY B 113 16.31 7.72 -16.21
CA GLY B 113 15.82 9.08 -15.98
C GLY B 113 15.98 9.92 -17.24
N LEU B 114 15.54 11.17 -17.17
CA LEU B 114 15.72 12.14 -18.25
C LEU B 114 17.08 12.83 -18.11
N THR B 115 17.66 13.23 -19.24
CA THR B 115 18.88 14.02 -19.26
C THR B 115 18.58 15.47 -18.83
N GLU B 116 19.61 16.25 -18.49
CA GLU B 116 19.39 17.61 -18.04
C GLU B 116 18.70 18.47 -19.11
N PRO B 117 19.18 18.41 -20.37
CA PRO B 117 18.47 19.13 -21.42
C PRO B 117 17.00 18.73 -21.57
N GLN B 118 16.66 17.47 -21.33
CA GLN B 118 15.25 17.08 -21.32
C GLN B 118 14.46 17.67 -20.13
N ILE B 119 15.05 17.65 -18.94
CA ILE B 119 14.36 18.20 -17.78
C ILE B 119 14.07 19.68 -17.99
N GLN B 120 15.02 20.41 -18.60
CA GLN B 120 14.89 21.84 -18.81
C GLN B 120 13.66 22.18 -19.61
N VAL B 121 13.38 21.40 -20.64
CA VAL B 121 12.23 21.67 -21.48
C VAL B 121 10.94 21.41 -20.69
N VAL B 122 10.89 20.31 -19.96
CA VAL B 122 9.73 19.97 -19.13
C VAL B 122 9.51 21.05 -18.08
N CYS B 123 10.61 21.48 -17.47
CA CYS B 123 10.53 22.43 -16.38
C CYS B 123 9.99 23.75 -16.90
N ARG B 124 10.64 24.26 -17.95
CA ARG B 124 10.19 25.47 -18.65
C ARG B 124 8.73 25.43 -19.05
N GLN B 125 8.30 24.35 -19.68
CA GLN B 125 6.91 24.23 -20.08
C GLN B 125 5.92 24.13 -18.90
N MET B 126 6.33 23.50 -17.80
CA MET B 126 5.46 23.42 -16.62
C MET B 126 5.29 24.78 -15.97
N LEU B 127 6.39 25.51 -15.88
CA LEU B 127 6.34 26.87 -15.40
C LEU B 127 5.32 27.71 -16.19
N GLU B 128 5.28 27.59 -17.51
CA GLU B 128 4.32 28.37 -18.30
C GLU B 128 2.89 27.93 -17.96
N ALA B 129 2.68 26.64 -17.74
CA ALA B 129 1.35 26.14 -17.39
C ALA B 129 0.91 26.64 -16.02
N LEU B 130 1.82 26.52 -15.05
CA LEU B 130 1.54 26.93 -13.69
C LEU B 130 1.27 28.42 -13.66
N ASN B 131 2.12 29.17 -14.34
CA ASN B 131 1.95 30.61 -14.37
C ASN B 131 0.59 30.99 -14.93
N PHE B 132 0.08 30.22 -15.87
CA PHE B 132 -1.23 30.48 -16.41
C PHE B 132 -2.27 30.10 -15.39
N LEU B 133 -2.17 28.86 -14.90
CA LEU B 133 -3.08 28.39 -13.87
C LEU B 133 -3.20 29.34 -12.68
N HIS B 134 -2.07 29.80 -12.17
CA HIS B 134 -2.04 30.63 -10.97
C HIS B 134 -2.64 32.02 -11.17
N SER B 135 -2.61 32.53 -12.41
CA SER B 135 -3.23 33.81 -12.72
C SER B 135 -4.75 33.68 -12.90
N LYS B 136 -5.24 32.45 -13.11
CA LYS B 136 -6.68 32.16 -13.06
C LYS B 136 -7.13 31.71 -11.65
N ARG B 137 -6.21 31.80 -10.69
CA ARG B 137 -6.45 31.41 -9.30
C ARG B 137 -6.75 29.92 -9.16
N ILE B 138 -6.10 29.10 -9.97
CA ILE B 138 -6.25 27.63 -9.88
C ILE B 138 -4.94 26.99 -9.42
N ILE B 139 -5.04 26.09 -8.46
CA ILE B 139 -3.88 25.36 -7.96
C ILE B 139 -4.00 23.91 -8.36
N HIS B 140 -2.91 23.32 -8.84
CA HIS B 140 -2.97 21.96 -9.28
C HIS B 140 -2.99 20.97 -8.11
N ARG B 141 -2.06 21.13 -7.17
CA ARG B 141 -1.96 20.30 -5.95
C ARG B 141 -1.64 18.82 -6.20
N ASP B 142 -1.31 18.43 -7.42
CA ASP B 142 -1.10 17.00 -7.74
C ASP B 142 -0.07 16.80 -8.84
N LEU B 143 0.95 17.65 -8.83
CA LEU B 143 1.99 17.60 -9.80
C LEU B 143 2.96 16.51 -9.49
N LYS B 144 3.19 15.65 -10.47
CA LYS B 144 4.13 14.56 -10.38
C LYS B 144 4.36 14.08 -11.81
N ALA B 145 5.48 13.41 -12.06
CA ALA B 145 5.80 13.03 -13.43
C ALA B 145 4.69 12.19 -14.09
N GLY B 146 3.87 11.50 -13.29
CA GLY B 146 2.75 10.73 -13.84
C GLY B 146 1.58 11.54 -14.36
N ASN B 147 1.55 12.84 -14.05
CA ASN B 147 0.53 13.74 -14.59
C ASN B 147 1.03 14.69 -15.69
N VAL B 148 2.30 14.57 -16.06
CA VAL B 148 2.84 15.25 -17.21
C VAL B 148 2.74 14.33 -18.44
N LEU B 149 1.81 14.62 -19.35
CA LEU B 149 1.66 13.82 -20.56
C LEU B 149 2.46 14.43 -21.70
N MET B 150 2.87 13.63 -22.67
CA MET B 150 3.63 14.09 -23.82
C MET B 150 2.88 13.90 -25.13
N THR B 151 2.95 14.92 -25.98
CA THR B 151 2.52 14.82 -27.37
C THR B 151 3.71 14.39 -28.23
N LEU B 152 3.46 13.94 -29.46
CA LEU B 152 4.55 13.50 -30.32
C LEU B 152 5.47 14.63 -30.77
N GLU B 153 4.97 15.86 -30.75
CA GLU B 153 5.77 17.03 -31.11
C GLU B 153 6.76 17.42 -30.02
N GLY B 154 6.73 16.71 -28.88
CA GLY B 154 7.64 17.02 -27.78
C GLY B 154 7.15 18.09 -26.81
N ASP B 155 5.85 18.32 -26.77
CA ASP B 155 5.25 19.23 -25.80
C ASP B 155 4.51 18.48 -24.71
N ILE B 156 4.53 19.02 -23.50
CA ILE B 156 3.78 18.44 -22.39
C ILE B 156 2.30 18.78 -22.44
N ARG B 157 1.53 18.02 -21.67
CA ARG B 157 0.18 18.40 -21.31
C ARG B 157 -0.06 18.05 -19.85
N LEU B 158 -0.50 19.03 -19.07
CA LEU B 158 -1.00 18.80 -17.71
C LEU B 158 -2.40 18.26 -17.80
N ALA B 159 -2.69 17.24 -16.98
CA ALA B 159 -3.81 16.32 -17.28
C ALA B 159 -4.90 16.16 -16.23
N ASP B 160 -4.53 15.94 -14.97
CA ASP B 160 -5.51 15.48 -13.99
C ASP B 160 -5.81 16.56 -12.95
N PHE B 161 -7.03 17.10 -13.00
CA PHE B 161 -7.46 18.14 -12.07
C PHE B 161 -8.46 17.59 -11.05
N GLY B 162 -8.29 16.31 -10.69
CA GLY B 162 -9.20 15.63 -9.77
C GLY B 162 -9.01 16.03 -8.32
N VAL B 163 -7.78 16.43 -7.97
CA VAL B 163 -7.47 16.95 -6.65
C VAL B 163 -7.85 18.42 -6.57
N SER B 164 -7.39 19.19 -7.55
CA SER B 164 -7.70 20.62 -7.65
C SER B 164 -9.18 20.91 -7.57
N ALA B 165 -9.98 20.07 -8.23
CA ALA B 165 -11.44 20.22 -8.24
C ALA B 165 -12.06 19.93 -6.88
N LYS B 166 -11.57 18.89 -6.21
CA LYS B 166 -12.01 18.54 -4.85
C LYS B 166 -11.78 19.70 -3.87
N ASN B 167 -10.69 20.44 -4.07
CA ASN B 167 -10.35 21.57 -3.20
C ASN B 167 -11.20 22.83 -3.44
N LEU B 168 -11.75 23.01 -4.64
CA LEU B 168 -12.72 24.08 -4.87
C LEU B 168 -14.08 23.73 -4.32
N LYS B 169 -14.42 22.44 -4.32
CA LYS B 169 -15.70 21.99 -3.82
C LYS B 169 -15.89 22.51 -2.40
N THR B 170 -14.94 22.18 -1.52
CA THR B 170 -14.96 22.63 -0.13
C THR B 170 -14.54 24.10 0.07
N LEU B 171 -13.61 24.57 -0.77
CA LEU B 171 -12.99 25.90 -0.62
C LEU B 171 -13.95 27.04 -0.89
N GLN B 172 -14.78 26.92 -1.92
CA GLN B 172 -15.76 27.94 -2.26
C GLN B 172 -17.01 27.83 -1.38
N LYS B 173 -17.13 26.71 -0.65
CA LYS B 173 -18.18 26.50 0.34
C LYS B 173 -17.57 26.47 1.74
N THR B 180 -12.91 39.98 14.46
CA THR B 180 -13.63 38.74 14.78
C THR B 180 -12.76 37.67 15.49
N PRO B 181 -11.60 37.32 14.91
CA PRO B 181 -10.79 36.21 15.37
C PRO B 181 -9.65 36.61 16.30
N TYR B 182 -9.96 37.38 17.34
CA TYR B 182 -8.95 37.81 18.29
C TYR B 182 -8.46 36.62 19.10
N TRP B 183 -9.25 35.54 19.14
CA TRP B 183 -9.01 34.37 20.00
C TRP B 183 -8.40 33.22 19.21
N MET B 184 -8.04 33.49 17.97
CA MET B 184 -7.59 32.44 17.04
C MET B 184 -6.15 32.08 17.28
N ALA B 185 -5.83 30.79 17.21
CA ALA B 185 -4.47 30.32 17.47
C ALA B 185 -3.57 30.58 16.28
N PRO B 186 -2.25 30.77 16.51
CA PRO B 186 -1.25 31.01 15.46
C PRO B 186 -1.31 30.02 14.31
N GLU B 187 -1.22 28.74 14.63
CA GLU B 187 -1.24 27.69 13.63
C GLU B 187 -2.56 27.59 12.90
N VAL B 188 -3.61 28.19 13.43
CA VAL B 188 -4.89 28.16 12.73
C VAL B 188 -4.92 29.31 11.73
N VAL B 189 -4.36 30.44 12.16
CA VAL B 189 -4.26 31.62 11.33
C VAL B 189 -3.48 31.27 10.08
N MET B 190 -2.31 30.67 10.28
CA MET B 190 -1.44 30.32 9.19
C MET B 190 -2.01 29.26 8.24
N CYS B 191 -2.88 28.37 8.71
CA CYS B 191 -3.55 27.43 7.81
C CYS B 191 -4.76 28.01 7.08
N GLU B 192 -5.10 29.26 7.36
CA GLU B 192 -6.09 29.98 6.57
C GLU B 192 -5.40 30.77 5.46
N THR B 193 -4.39 31.58 5.82
CA THR B 193 -3.68 32.39 4.81
C THR B 193 -2.84 31.50 3.87
N MET B 194 -2.32 30.39 4.39
CA MET B 194 -1.65 29.37 3.58
C MET B 194 -2.64 28.83 2.54
N LYS B 195 -3.85 28.54 3.00
CA LYS B 195 -4.95 28.09 2.11
C LYS B 195 -5.59 29.19 1.25
N ASP B 196 -5.46 30.45 1.66
CA ASP B 196 -6.25 31.56 1.09
C ASP B 196 -5.98 31.84 -0.40
N THR B 197 -5.00 32.69 -0.72
CA THR B 197 -4.81 33.12 -2.13
C THR B 197 -3.42 33.68 -2.53
N PRO B 198 -2.59 34.14 -1.56
CA PRO B 198 -1.22 34.40 -2.05
C PRO B 198 -0.16 33.31 -1.74
N TYR B 199 -0.37 32.57 -0.67
CA TYR B 199 0.60 31.59 -0.18
C TYR B 199 0.46 30.22 -0.82
N ASP B 200 -0.77 29.78 -1.12
CA ASP B 200 -0.93 28.38 -1.54
C ASP B 200 -0.56 28.13 -3.00
N TYR B 201 -0.38 29.20 -3.78
CA TYR B 201 0.20 29.04 -5.12
C TYR B 201 1.56 28.34 -5.02
N LYS B 202 2.26 28.60 -3.91
CA LYS B 202 3.63 28.14 -3.78
C LYS B 202 3.74 26.63 -3.59
N ALA B 203 2.63 25.97 -3.31
CA ALA B 203 2.65 24.52 -3.11
C ALA B 203 2.98 23.81 -4.41
N ASP B 204 2.36 24.26 -5.51
CA ASP B 204 2.69 23.75 -6.84
C ASP B 204 4.18 23.94 -7.15
N ILE B 205 4.74 25.07 -6.75
CA ILE B 205 6.16 25.36 -6.94
C ILE B 205 7.04 24.33 -6.25
N TRP B 206 6.71 23.97 -5.02
CA TRP B 206 7.45 22.93 -4.33
C TRP B 206 7.35 21.59 -5.08
N SER B 207 6.12 21.20 -5.40
CA SER B 207 5.86 19.94 -6.09
C SER B 207 6.65 19.85 -7.38
N LEU B 208 6.69 20.96 -8.11
CA LEU B 208 7.51 21.06 -9.31
C LEU B 208 8.94 20.69 -9.00
N GLY B 209 9.54 21.35 -8.02
CA GLY B 209 10.89 20.98 -7.59
C GLY B 209 11.06 19.48 -7.42
N ILE B 210 10.10 18.85 -6.75
CA ILE B 210 10.13 17.39 -6.47
C ILE B 210 9.93 16.57 -7.73
N THR B 211 9.06 17.03 -8.63
CA THR B 211 8.92 16.39 -9.94
C THR B 211 10.22 16.44 -10.75
N LEU B 212 10.98 17.52 -10.65
CA LEU B 212 12.29 17.56 -11.33
C LEU B 212 13.26 16.52 -10.76
N ILE B 213 13.26 16.28 -9.45
CA ILE B 213 14.18 15.27 -8.89
C ILE B 213 13.73 13.86 -9.28
N GLU B 214 12.43 13.60 -9.24
CA GLU B 214 11.85 12.38 -9.79
C GLU B 214 12.34 12.14 -11.22
N MET B 215 12.31 13.17 -12.06
CA MET B 215 12.73 13.01 -13.47
C MET B 215 14.21 12.72 -13.62
N ALA B 216 15.04 13.33 -12.78
CA ALA B 216 16.45 13.02 -12.80
C ALA B 216 16.76 11.64 -12.25
N GLN B 217 16.05 11.22 -11.21
CA GLN B 217 16.43 10.02 -10.47
C GLN B 217 15.43 8.88 -10.55
N ILE B 218 14.39 9.05 -11.36
CA ILE B 218 13.32 8.07 -11.55
C ILE B 218 12.34 8.03 -10.39
N GLU B 219 12.85 8.06 -9.15
CA GLU B 219 12.00 8.04 -7.96
C GLU B 219 12.16 9.31 -7.11
N PRO B 220 11.03 9.85 -6.59
CA PRO B 220 11.07 11.07 -5.80
C PRO B 220 11.86 10.88 -4.52
N PRO B 221 12.19 11.98 -3.81
CA PRO B 221 12.86 11.80 -2.55
C PRO B 221 12.02 11.02 -1.56
N HIS B 222 12.67 10.17 -0.79
CA HIS B 222 12.01 9.37 0.25
C HIS B 222 11.15 8.22 -0.28
N HIS B 223 11.32 7.84 -1.53
CA HIS B 223 10.62 6.69 -2.13
C HIS B 223 10.75 5.40 -1.31
N GLU B 224 11.91 5.24 -0.66
CA GLU B 224 12.21 4.01 0.10
C GLU B 224 11.38 3.87 1.39
N LEU B 225 10.91 5.01 1.89
CA LEU B 225 10.07 5.06 3.06
C LEU B 225 8.62 4.72 2.74
N ASN B 226 7.98 4.09 3.71
CA ASN B 226 6.56 3.80 3.70
C ASN B 226 5.77 5.13 3.63
N PRO B 227 4.62 5.14 2.91
CA PRO B 227 3.83 6.38 2.69
C PRO B 227 3.47 7.19 3.94
N MET B 228 3.14 6.53 5.05
CA MET B 228 2.77 7.25 6.27
C MET B 228 3.93 8.04 6.83
N ARG B 229 5.12 7.47 6.76
CA ARG B 229 6.29 8.09 7.34
C ARG B 229 6.89 9.24 6.50
N VAL B 230 6.52 9.34 5.23
CA VAL B 230 7.10 10.40 4.38
C VAL B 230 6.66 11.79 4.84
N LEU B 231 5.39 11.89 5.21
CA LEU B 231 4.80 13.15 5.65
C LEU B 231 5.62 13.74 6.78
N LEU B 232 5.97 12.91 7.74
CA LEU B 232 6.81 13.34 8.85
C LEU B 232 8.19 13.71 8.34
N LYS B 233 8.76 12.86 7.49
CA LYS B 233 10.07 13.11 6.93
C LYS B 233 10.10 14.44 6.16
N ILE B 234 9.03 14.73 5.42
CA ILE B 234 8.95 16.00 4.69
C ILE B 234 8.91 17.18 5.66
N ALA B 235 8.20 17.00 6.77
CA ALA B 235 8.04 18.06 7.76
C ALA B 235 9.36 18.45 8.40
N LYS B 236 10.07 17.49 8.97
CA LYS B 236 11.29 17.80 9.72
C LYS B 236 12.58 17.80 8.89
N SER B 237 12.56 17.24 7.68
CA SER B 237 13.81 17.11 6.93
C SER B 237 14.28 18.42 6.33
N ASP B 238 15.57 18.49 6.02
CA ASP B 238 16.08 19.52 5.13
C ASP B 238 15.52 19.28 3.74
N PRO B 239 15.41 20.35 2.93
CA PRO B 239 14.88 20.16 1.58
C PRO B 239 15.74 19.18 0.78
N PRO B 240 15.12 18.34 -0.06
CA PRO B 240 15.87 17.34 -0.80
C PRO B 240 16.75 17.98 -1.86
N THR B 241 17.85 17.30 -2.15
CA THR B 241 18.80 17.73 -3.17
C THR B 241 19.11 16.51 -4.02
N LEU B 242 19.74 16.73 -5.16
CA LEU B 242 20.06 15.65 -6.08
C LEU B 242 21.14 14.77 -5.47
N LEU B 243 20.98 13.47 -5.64
CA LEU B 243 21.87 12.49 -5.01
C LEU B 243 23.32 12.71 -5.41
N THR B 244 23.59 12.69 -6.70
CA THR B 244 24.96 12.87 -7.20
C THR B 244 25.08 14.22 -7.89
N PRO B 245 25.47 15.26 -7.13
CA PRO B 245 25.56 16.61 -7.70
C PRO B 245 26.71 16.80 -8.71
N SER B 246 27.62 15.82 -8.79
CA SER B 246 28.63 15.77 -9.86
C SER B 246 27.96 15.83 -11.23
N LYS B 247 26.99 14.95 -11.43
CA LYS B 247 26.32 14.79 -12.72
C LYS B 247 25.61 16.04 -13.26
N TRP B 248 25.26 16.97 -12.39
CA TRP B 248 24.33 18.04 -12.79
C TRP B 248 24.97 19.41 -12.76
N SER B 249 24.42 20.31 -13.57
CA SER B 249 24.94 21.66 -13.66
C SER B 249 24.56 22.50 -12.43
N VAL B 250 25.38 23.50 -12.16
CA VAL B 250 25.17 24.42 -11.04
C VAL B 250 23.82 25.11 -11.14
N GLU B 251 23.41 25.43 -12.37
CA GLU B 251 22.12 26.07 -12.60
C GLU B 251 20.97 25.19 -12.14
N PHE B 252 21.12 23.88 -12.29
CA PHE B 252 20.08 22.93 -11.88
C PHE B 252 20.00 22.86 -10.37
N ARG B 253 21.14 22.70 -9.73
CA ARG B 253 21.17 22.60 -8.28
C ARG B 253 20.66 23.88 -7.61
N ASP B 254 21.00 25.03 -8.18
CA ASP B 254 20.57 26.30 -7.64
C ASP B 254 19.08 26.53 -7.87
N PHE B 255 18.55 25.99 -8.97
CA PHE B 255 17.14 26.09 -9.25
C PHE B 255 16.38 25.33 -8.19
N LEU B 256 16.82 24.09 -7.96
CA LEU B 256 16.27 23.27 -6.91
C LEU B 256 16.41 23.93 -5.53
N LYS B 257 17.58 24.49 -5.25
CA LYS B 257 17.84 25.13 -3.96
C LYS B 257 16.76 26.16 -3.65
N ILE B 258 16.44 27.01 -4.62
CA ILE B 258 15.47 28.08 -4.38
C ILE B 258 14.01 27.65 -4.59
N ALA B 259 13.74 26.66 -5.43
CA ALA B 259 12.36 26.21 -5.57
C ALA B 259 11.91 25.46 -4.32
N LEU B 260 12.84 24.71 -3.72
CA LEU B 260 12.55 23.87 -2.56
C LEU B 260 12.95 24.59 -1.28
N ASP B 261 12.24 25.69 -1.04
CA ASP B 261 12.33 26.48 0.16
C ASP B 261 11.17 26.03 1.00
N LYS B 262 11.44 25.56 2.23
CA LYS B 262 10.39 25.14 3.13
C LYS B 262 9.50 26.30 3.56
N ASN B 263 10.03 27.53 3.54
CA ASN B 263 9.26 28.73 3.87
C ASN B 263 8.55 29.28 2.64
N PRO B 264 7.24 29.00 2.52
CA PRO B 264 6.56 29.42 1.31
C PRO B 264 6.55 30.92 1.10
N GLU B 265 6.72 31.71 2.16
CA GLU B 265 6.70 33.17 2.01
C GLU B 265 7.84 33.66 1.11
N THR B 266 9.03 33.09 1.29
CA THR B 266 10.19 33.45 0.47
C THR B 266 10.31 32.63 -0.83
N ARG B 267 9.69 31.46 -0.88
CA ARG B 267 9.71 30.63 -2.10
C ARG B 267 9.12 31.41 -3.29
N PRO B 268 9.75 31.31 -4.47
CA PRO B 268 9.34 32.12 -5.62
C PRO B 268 8.12 31.59 -6.37
N SER B 269 7.51 32.46 -7.17
CA SER B 269 6.38 32.08 -8.01
C SER B 269 6.89 31.54 -9.34
N ALA B 270 5.99 30.92 -10.11
CA ALA B 270 6.32 30.45 -11.45
C ALA B 270 6.91 31.59 -12.29
N ALA B 271 6.20 32.71 -12.35
CA ALA B 271 6.65 33.86 -13.12
C ALA B 271 8.08 34.29 -12.78
N GLN B 272 8.45 34.21 -11.51
CA GLN B 272 9.82 34.51 -11.11
C GLN B 272 10.83 33.48 -11.62
N LEU B 273 10.46 32.20 -11.54
CA LEU B 273 11.37 31.13 -11.93
C LEU B 273 11.57 31.04 -13.44
N LEU B 274 10.67 31.64 -14.22
CA LEU B 274 10.87 31.75 -15.67
C LEU B 274 12.04 32.69 -16.01
N GLU B 275 12.50 33.45 -15.03
CA GLU B 275 13.66 34.31 -15.21
C GLU B 275 14.95 33.65 -14.67
N HIS B 276 14.91 32.37 -14.31
CA HIS B 276 16.10 31.67 -13.83
C HIS B 276 16.89 31.08 -15.02
N PRO B 277 18.24 31.18 -15.00
CA PRO B 277 19.12 30.71 -16.12
C PRO B 277 18.91 29.25 -16.59
N PHE B 278 18.48 28.40 -15.68
CA PHE B 278 18.14 27.01 -15.98
C PHE B 278 17.05 26.89 -17.06
N VAL B 279 16.17 27.88 -17.17
CA VAL B 279 15.08 27.84 -18.19
C VAL B 279 14.93 29.10 -19.05
N SER B 280 15.67 30.16 -18.75
CA SER B 280 15.46 31.44 -19.46
C SER B 280 16.04 31.44 -20.87
N SER B 281 16.86 30.44 -21.22
CA SER B 281 17.47 30.32 -22.56
C SER B 281 16.96 29.11 -23.34
N ILE B 282 15.85 28.53 -22.91
CA ILE B 282 15.29 27.37 -23.58
C ILE B 282 14.36 27.84 -24.66
N THR B 283 14.84 27.79 -25.90
CA THR B 283 14.06 28.24 -27.04
C THR B 283 13.40 27.09 -27.83
N SER B 284 13.92 25.86 -27.75
CA SER B 284 13.29 24.75 -28.48
C SER B 284 13.01 23.53 -27.62
N ASN B 285 12.03 22.73 -28.06
CA ASN B 285 11.62 21.51 -27.35
C ASN B 285 12.28 20.25 -27.93
N LYS B 286 13.36 20.42 -28.68
CA LYS B 286 14.01 19.32 -29.40
C LYS B 286 14.37 18.14 -28.50
N ALA B 287 15.01 18.42 -27.38
CA ALA B 287 15.43 17.35 -26.46
C ALA B 287 14.25 16.46 -26.06
N LEU B 288 13.07 17.01 -25.94
CA LEU B 288 11.90 16.21 -25.61
C LEU B 288 11.32 15.52 -26.82
N ARG B 289 11.44 16.15 -27.99
CA ARG B 289 11.03 15.49 -29.23
C ARG B 289 11.86 14.21 -29.39
N GLU B 290 13.15 14.29 -29.07
CA GLU B 290 14.05 13.15 -29.17
C GLU B 290 13.74 12.06 -28.15
N LEU B 291 13.40 12.45 -26.92
CA LEU B 291 13.05 11.47 -25.88
C LEU B 291 11.76 10.74 -26.23
N VAL B 292 10.77 11.47 -26.73
CA VAL B 292 9.51 10.82 -27.08
C VAL B 292 9.71 9.81 -28.21
N ALA B 293 10.66 10.09 -29.11
CA ALA B 293 10.90 9.21 -30.23
C ALA B 293 11.57 7.92 -29.78
N GLU B 294 12.58 8.04 -28.92
CA GLU B 294 13.24 6.90 -28.29
C GLU B 294 12.22 6.03 -27.55
N ALA B 295 11.23 6.64 -26.90
CA ALA B 295 10.25 5.87 -26.15
C ALA B 295 9.35 5.07 -27.07
N LYS B 296 8.92 5.70 -28.15
CA LYS B 296 7.99 5.08 -29.10
C LYS B 296 8.65 3.90 -29.77
N ALA B 297 9.95 4.01 -29.98
CA ALA B 297 10.70 2.98 -30.67
C ALA B 297 10.94 1.83 -29.72
N GLU B 298 11.20 2.16 -28.45
CA GLU B 298 11.35 1.13 -27.42
C GLU B 298 10.07 0.34 -27.23
N VAL B 299 8.93 1.01 -27.25
CA VAL B 299 7.64 0.32 -27.17
C VAL B 299 7.43 -0.69 -28.29
N MET B 300 8.03 -0.46 -29.45
CA MET B 300 7.84 -1.37 -30.59
C MET B 300 8.65 -2.69 -30.45
N GLU B 301 9.74 -2.66 -29.68
CA GLU B 301 10.55 -3.86 -29.45
C GLU B 301 9.72 -5.15 -29.28
#